data_9QDA
#
_entry.id   9QDA
#
_cell.length_a   48.865
_cell.length_b   48.865
_cell.length_c   196.913
_cell.angle_alpha   90
_cell.angle_beta   90
_cell.angle_gamma   120
#
_symmetry.space_group_name_H-M   'P 32 2 1'
#
loop_
_entity.id
_entity.type
_entity.pdbx_description
1 polymer 'Peptidyl-prolyl cis-trans isomerase FKBP5'
2 non-polymer (2~{S},9~{S},12~{R})-2-cyclohexyl-19,22-dimethoxy-12-methyl-11,14,17-trioxa-4-azatricyclo[16.2.2.0^{4,9}]docosa-1(21),18(22),19-triene-3,10-dione
3 water water
#
_entity_poly.entity_id   1
_entity_poly.type   'polypeptide(L)'
_entity_poly.pdbx_seq_one_letter_code
;GAPATVTEQGEDITSKKDRGVLKIVKRVGNGEETPMIGDKVYVHYKGKLSNGKKFDSSHDRNEPFVFSLGKGQVIKAWDI
GVATMKKGEIAHLLIKPEYAYGSAGSLPKIPSNATLFFEIELLDFKGE
;
_entity_poly.pdbx_strand_id   B,A
#
loop_
_chem_comp.id
_chem_comp.type
_chem_comp.name
_chem_comp.formula
A1I55 non-polymer (2~{S},9~{S},12~{R})-2-cyclohexyl-19,22-dimethoxy-12-methyl-11,14,17-trioxa-4-azatricyclo[16.2.2.0^{4,9}]docosa-1(21),18(22),19-triene-3,10-dione 'C27 H39 N O7'
#
# COMPACT_ATOMS: atom_id res chain seq x y z
N GLY A 1 -10.07 1.89 30.43
CA GLY A 1 -10.38 0.68 29.65
C GLY A 1 -9.13 0.08 29.00
N ALA A 2 -9.36 -0.82 28.03
CA ALA A 2 -8.30 -1.54 27.38
C ALA A 2 -7.28 -0.58 26.73
N PRO A 3 -7.70 0.48 26.00
CA PRO A 3 -6.76 1.44 25.43
C PRO A 3 -5.86 2.14 26.45
N ALA A 4 -6.46 2.65 27.53
CA ALA A 4 -5.70 3.32 28.57
C ALA A 4 -4.70 2.35 29.21
N THR A 5 -5.07 1.09 29.43
CA THR A 5 -4.12 0.13 29.98
C THR A 5 -2.90 0.01 29.05
N VAL A 6 -3.11 0.09 27.71
CA VAL A 6 -2.03 -0.04 26.76
C VAL A 6 -1.09 1.17 26.83
N THR A 7 -1.67 2.38 26.84
CA THR A 7 -0.93 3.60 27.13
C THR A 7 -0.07 3.43 28.39
N GLU A 8 -0.63 2.89 29.47
CA GLU A 8 0.04 2.76 30.76
C GLU A 8 1.13 1.69 30.78
N GLN A 9 0.86 0.52 30.20
CA GLN A 9 1.72 -0.66 30.41
C GLN A 9 2.33 -1.20 29.12
N GLY A 10 1.90 -0.69 27.96
CA GLY A 10 2.19 -1.35 26.70
C GLY A 10 3.65 -1.16 26.31
N GLU A 11 4.22 -2.19 25.66
CA GLU A 11 5.58 -2.12 25.12
C GLU A 11 5.61 -1.36 23.80
N ASP A 12 6.66 -0.58 23.64
CA ASP A 12 6.86 0.22 22.46
C ASP A 12 7.60 -0.62 21.44
N ILE A 13 6.89 -1.07 20.39
CA ILE A 13 7.49 -1.98 19.42
C ILE A 13 7.96 -1.26 18.16
N THR A 14 8.08 0.08 18.18
CA THR A 14 8.63 0.82 17.05
C THR A 14 10.16 0.79 17.09
N SER A 15 10.76 0.81 15.88
CA SER A 15 12.19 0.91 15.67
C SER A 15 12.71 2.21 16.25
N LYS A 16 11.97 3.28 15.96
CA LYS A 16 12.32 4.63 16.37
C LYS A 16 12.05 4.86 17.85
N LYS A 17 11.28 3.99 18.51
CA LYS A 17 10.97 4.17 19.92
C LYS A 17 10.22 5.50 20.12
N ASP A 18 9.21 5.73 19.30
CA ASP A 18 8.43 6.95 19.39
C ASP A 18 7.05 6.68 19.98
N ARG A 19 6.86 5.50 20.60
CA ARG A 19 5.56 5.07 21.15
C ARG A 19 4.45 5.05 20.11
N GLY A 20 4.78 4.94 18.82
CA GLY A 20 3.77 5.00 17.77
C GLY A 20 2.91 3.74 17.69
N VAL A 21 3.46 2.62 18.14
CA VAL A 21 2.77 1.33 18.18
C VAL A 21 3.08 0.72 19.56
N LEU A 22 2.04 0.65 20.42
CA LEU A 22 2.14 0.08 21.75
C LEU A 22 1.36 -1.23 21.80
N LYS A 23 1.96 -2.25 22.46
CA LYS A 23 1.42 -3.60 22.47
C LYS A 23 1.35 -4.17 23.87
N ILE A 24 0.25 -4.89 24.15
CA ILE A 24 0.21 -5.81 25.27
C ILE A 24 -0.27 -7.17 24.78
N VAL A 25 0.44 -8.22 25.19
CA VAL A 25 0.01 -9.59 24.89
C VAL A 25 -1.13 -9.94 25.85
N LYS A 26 -2.23 -10.45 25.33
CA LYS A 26 -3.33 -10.82 26.21
C LYS A 26 -3.51 -12.32 26.33
N ARG A 27 -3.41 -13.15 25.28
CA ARG A 27 -3.28 -14.61 25.46
C ARG A 27 -1.97 -15.00 24.77
N VAL A 28 -1.06 -15.63 25.52
CA VAL A 28 0.22 -16.09 24.95
C VAL A 28 -0.10 -17.06 23.81
N GLY A 29 0.73 -17.07 22.76
CA GLY A 29 0.58 -18.01 21.65
C GLY A 29 1.42 -19.27 21.85
N ASN A 30 1.57 -20.06 20.77
CA ASN A 30 2.24 -21.34 20.79
C ASN A 30 3.46 -21.30 19.88
N GLY A 31 4.46 -22.12 20.22
CA GLY A 31 5.70 -22.20 19.46
C GLY A 31 6.50 -20.91 19.63
N GLU A 32 7.55 -20.77 18.82
CA GLU A 32 8.41 -19.60 18.89
C GLU A 32 8.36 -18.81 17.57
N GLU A 33 7.94 -19.46 16.46
CA GLU A 33 7.89 -18.86 15.13
C GLU A 33 6.92 -17.69 15.14
N THR A 34 7.35 -16.56 14.54
CA THR A 34 6.51 -15.40 14.25
C THR A 34 6.59 -15.11 12.76
N PRO A 35 5.61 -14.46 12.16
CA PRO A 35 5.58 -14.40 10.71
C PRO A 35 6.68 -13.51 10.13
N MET A 36 7.11 -13.85 8.90
CA MET A 36 8.13 -13.13 8.14
C MET A 36 7.43 -12.34 7.03
N ILE A 37 8.12 -11.30 6.55
CA ILE A 37 7.60 -10.53 5.42
C ILE A 37 7.29 -11.48 4.28
N GLY A 38 6.14 -11.27 3.62
CA GLY A 38 5.70 -12.14 2.57
C GLY A 38 4.77 -13.26 3.06
N ASP A 39 4.80 -13.66 4.34
CA ASP A 39 3.89 -14.71 4.81
C ASP A 39 2.41 -14.33 4.60
N LYS A 40 1.56 -15.31 4.26
CA LYS A 40 0.10 -15.14 4.24
C LYS A 40 -0.37 -15.29 5.69
N VAL A 41 -1.10 -14.29 6.22
CA VAL A 41 -1.45 -14.19 7.63
C VAL A 41 -2.98 -14.21 7.81
N TYR A 42 -3.46 -14.94 8.83
CA TYR A 42 -4.89 -15.10 9.10
C TYR A 42 -5.16 -14.59 10.50
N VAL A 43 -6.08 -13.62 10.66
CA VAL A 43 -6.38 -13.09 11.98
C VAL A 43 -7.88 -12.92 12.17
N HIS A 44 -8.29 -12.83 13.42
CA HIS A 44 -9.52 -12.12 13.76
C HIS A 44 -9.12 -10.85 14.52
N TYR A 45 -9.97 -9.83 14.47
CA TYR A 45 -9.72 -8.56 15.10
C TYR A 45 -11.01 -7.77 15.36
N LYS A 46 -10.94 -6.92 16.38
CA LYS A 46 -11.91 -5.87 16.62
C LYS A 46 -11.14 -4.58 16.73
N GLY A 47 -11.57 -3.57 15.97
CA GLY A 47 -10.91 -2.28 15.97
C GLY A 47 -11.89 -1.14 16.28
N LYS A 48 -11.35 -0.02 16.78
CA LYS A 48 -12.11 1.21 16.83
C LYS A 48 -11.18 2.41 16.90
N LEU A 49 -11.79 3.57 16.61
CA LEU A 49 -11.17 4.86 16.84
C LEU A 49 -11.08 5.04 18.33
N SER A 50 -9.94 5.56 18.79
CA SER A 50 -9.63 5.68 20.20
C SER A 50 -10.71 6.41 20.98
N ASN A 51 -10.89 7.69 20.65
CA ASN A 51 -11.94 8.50 21.23
C ASN A 51 -13.00 8.45 20.15
N GLY A 52 -13.96 7.56 20.33
CA GLY A 52 -15.17 7.63 19.56
C GLY A 52 -15.62 6.25 19.09
N LYS A 53 -16.68 6.31 18.29
CA LYS A 53 -17.48 5.15 17.99
C LYS A 53 -17.60 5.03 16.47
N LYS A 54 -16.49 4.68 15.82
CA LYS A 54 -16.50 3.79 14.66
C LYS A 54 -15.81 2.53 15.18
N PHE A 55 -16.55 1.41 15.14
CA PHE A 55 -16.12 0.10 15.60
C PHE A 55 -16.12 -0.85 14.40
N ASP A 56 -15.31 -1.89 14.41
CA ASP A 56 -15.22 -2.80 13.27
C ASP A 56 -14.66 -4.14 13.75
N SER A 57 -15.23 -5.23 13.21
CA SER A 57 -14.84 -6.57 13.57
C SER A 57 -14.84 -7.50 12.36
N SER A 58 -13.75 -8.27 12.21
CA SER A 58 -13.69 -9.40 11.31
C SER A 58 -14.89 -10.35 11.56
N HIS A 59 -15.26 -10.56 12.83
CA HIS A 59 -16.37 -11.43 13.16
C HIS A 59 -17.67 -11.01 12.47
N ASP A 60 -17.85 -9.70 12.21
CA ASP A 60 -19.01 -9.18 11.49
C ASP A 60 -19.16 -9.80 10.10
N ARG A 61 -18.08 -10.27 9.48
CA ARG A 61 -18.15 -10.78 8.11
C ARG A 61 -18.10 -12.31 8.08
N ASN A 62 -18.11 -12.98 9.26
CA ASN A 62 -18.16 -14.44 9.36
C ASN A 62 -16.77 -15.06 9.58
N GLU A 63 -15.70 -14.45 9.04
CA GLU A 63 -14.54 -15.18 8.55
C GLU A 63 -13.23 -14.50 8.94
N PRO A 64 -12.06 -15.16 8.80
CA PRO A 64 -10.81 -14.50 9.15
C PRO A 64 -10.48 -13.36 8.20
N PHE A 65 -9.74 -12.36 8.69
CA PHE A 65 -9.13 -11.34 7.86
C PHE A 65 -7.72 -11.80 7.48
N VAL A 66 -7.47 -11.76 6.18
CA VAL A 66 -6.30 -12.39 5.60
C VAL A 66 -5.54 -11.31 4.87
N PHE A 67 -4.20 -11.30 5.02
CA PHE A 67 -3.37 -10.38 4.23
C PHE A 67 -1.94 -10.92 4.18
N SER A 68 -1.16 -10.37 3.24
CA SER A 68 0.25 -10.75 3.14
C SER A 68 1.10 -9.75 3.92
N LEU A 69 1.92 -10.24 4.83
CA LEU A 69 2.62 -9.38 5.78
C LEU A 69 3.71 -8.58 5.08
N GLY A 70 3.74 -7.29 5.42
CA GLY A 70 4.77 -6.39 4.93
C GLY A 70 4.60 -6.06 3.46
N LYS A 71 3.43 -6.28 2.84
CA LYS A 71 3.34 -6.21 1.38
C LYS A 71 2.39 -5.07 0.99
N GLY A 72 2.33 -4.01 1.81
CA GLY A 72 1.56 -2.81 1.51
C GLY A 72 0.07 -2.86 1.87
N GLN A 73 -0.44 -3.97 2.45
CA GLN A 73 -1.88 -4.20 2.34
C GLN A 73 -2.63 -3.62 3.54
N VAL A 74 -1.92 -3.38 4.64
CA VAL A 74 -2.56 -2.87 5.83
C VAL A 74 -1.73 -1.67 6.30
N ILE A 75 -2.23 -0.94 7.26
CA ILE A 75 -1.44 0.10 7.87
C ILE A 75 -0.12 -0.43 8.47
N LYS A 76 0.87 0.47 8.54
CA LYS A 76 2.21 0.21 8.99
C LYS A 76 2.17 -0.46 10.37
N ALA A 77 1.24 -0.04 11.25
CA ALA A 77 1.20 -0.59 12.63
C ALA A 77 0.90 -2.10 12.65
N TRP A 78 0.16 -2.55 11.64
CA TRP A 78 -0.15 -3.97 11.53
C TRP A 78 1.03 -4.78 11.01
N ASP A 79 1.74 -4.27 10.00
CA ASP A 79 2.95 -4.92 9.52
C ASP A 79 3.98 -5.06 10.66
N ILE A 80 4.10 -4.02 11.49
CA ILE A 80 4.97 -4.04 12.67
C ILE A 80 4.44 -5.02 13.70
N GLY A 81 3.19 -4.85 14.14
CA GLY A 81 2.67 -5.55 15.30
C GLY A 81 2.41 -7.02 15.04
N VAL A 82 1.76 -7.32 13.92
CA VAL A 82 1.41 -8.72 13.66
C VAL A 82 2.69 -9.53 13.50
N ALA A 83 3.78 -8.91 12.97
CA ALA A 83 5.05 -9.60 12.85
C ALA A 83 5.62 -10.06 14.21
N THR A 84 5.24 -9.43 15.33
CA THR A 84 5.76 -9.81 16.64
C THR A 84 4.93 -10.94 17.26
N MET A 85 3.84 -11.37 16.64
CA MET A 85 2.90 -12.26 17.30
C MET A 85 3.13 -13.74 16.93
N LYS A 86 2.66 -14.66 17.79
CA LYS A 86 2.74 -16.10 17.59
C LYS A 86 1.38 -16.72 17.32
N LYS A 87 1.39 -17.93 16.73
CA LYS A 87 0.17 -18.65 16.38
C LYS A 87 -0.60 -18.85 17.68
N GLY A 88 -1.84 -18.37 17.72
CA GLY A 88 -2.67 -18.49 18.91
C GLY A 88 -2.64 -17.26 19.81
N GLU A 89 -1.73 -16.33 19.56
CA GLU A 89 -1.65 -15.14 20.41
C GLU A 89 -2.85 -14.20 20.16
N ILE A 90 -3.31 -13.59 21.27
CA ILE A 90 -4.16 -12.39 21.24
C ILE A 90 -3.39 -11.20 21.80
N ALA A 91 -3.43 -10.06 21.10
CA ALA A 91 -2.72 -8.86 21.54
C ALA A 91 -3.62 -7.62 21.45
N HIS A 92 -3.28 -6.57 22.21
CA HIS A 92 -3.85 -5.24 22.07
C HIS A 92 -2.81 -4.31 21.45
N LEU A 93 -3.19 -3.53 20.44
CA LEU A 93 -2.34 -2.49 19.88
C LEU A 93 -3.02 -1.13 19.99
N LEU A 94 -2.28 -0.14 20.47
CA LEU A 94 -2.68 1.25 20.38
C LEU A 94 -1.70 1.99 19.47
N ILE A 95 -2.26 2.77 18.51
CA ILE A 95 -1.55 3.23 17.34
C ILE A 95 -1.72 4.73 17.10
N LYS A 96 -0.62 5.48 17.10
CA LYS A 96 -0.67 6.88 16.75
C LYS A 96 -0.89 7.06 15.24
N PRO A 97 -1.34 8.27 14.81
CA PRO A 97 -1.76 8.46 13.41
C PRO A 97 -0.65 8.22 12.38
N GLU A 98 0.59 8.50 12.77
CA GLU A 98 1.75 8.35 11.90
C GLU A 98 1.90 6.90 11.45
N TYR A 99 1.40 5.90 12.22
CA TYR A 99 1.52 4.50 11.82
C TYR A 99 0.18 3.94 11.35
N ALA A 100 -0.80 4.83 11.12
CA ALA A 100 -2.13 4.45 10.68
C ALA A 100 -2.50 5.26 9.43
N TYR A 101 -3.39 6.25 9.57
CA TYR A 101 -3.89 6.99 8.43
C TYR A 101 -3.44 8.45 8.39
N GLY A 102 -2.57 8.87 9.30
CA GLY A 102 -1.85 10.13 9.20
C GLY A 102 -2.68 11.40 9.34
N SER A 103 -2.01 12.50 8.99
CA SER A 103 -2.68 13.79 8.92
C SER A 103 -3.78 13.80 7.86
N ALA A 104 -3.69 12.99 6.82
CA ALA A 104 -4.72 12.95 5.79
C ALA A 104 -5.97 12.22 6.28
N GLY A 105 -5.82 11.23 7.14
CA GLY A 105 -6.91 10.32 7.45
C GLY A 105 -7.31 9.49 6.23
N SER A 106 -8.55 8.98 6.27
CA SER A 106 -9.16 8.20 5.21
C SER A 106 -10.65 8.48 5.24
N LEU A 107 -10.99 9.73 4.93
CA LEU A 107 -12.36 10.17 5.11
C LEU A 107 -13.24 9.58 4.00
N PRO A 108 -14.55 9.39 4.23
CA PRO A 108 -15.16 9.79 5.51
C PRO A 108 -14.98 8.79 6.69
N LYS A 109 -14.42 7.60 6.45
CA LYS A 109 -14.40 6.57 7.48
C LYS A 109 -13.44 7.01 8.60
N ILE A 110 -12.21 7.44 8.29
CA ILE A 110 -11.23 7.70 9.33
C ILE A 110 -10.89 9.19 9.31
N PRO A 111 -11.05 9.93 10.44
CA PRO A 111 -10.62 11.32 10.49
C PRO A 111 -9.11 11.53 10.46
N SER A 112 -8.78 12.79 10.21
CA SER A 112 -7.43 13.28 10.29
C SER A 112 -6.86 12.96 11.69
N ASN A 113 -5.59 12.56 11.75
CA ASN A 113 -4.89 12.49 13.01
C ASN A 113 -5.61 11.58 14.03
N ALA A 114 -6.11 10.40 13.57
CA ALA A 114 -6.85 9.48 14.41
C ALA A 114 -5.90 8.47 15.06
N THR A 115 -6.10 8.27 16.38
CA THR A 115 -5.49 7.18 17.11
C THR A 115 -6.42 5.97 17.03
N LEU A 116 -5.87 4.77 16.78
CA LEU A 116 -6.63 3.52 16.67
C LEU A 116 -6.23 2.52 17.75
N PHE A 117 -7.21 1.67 18.10
CA PHE A 117 -7.04 0.56 19.02
C PHE A 117 -7.54 -0.71 18.34
N PHE A 118 -6.75 -1.79 18.46
CA PHE A 118 -7.20 -3.09 18.00
C PHE A 118 -6.94 -4.18 19.01
N GLU A 119 -7.84 -5.15 19.00
CA GLU A 119 -7.56 -6.46 19.59
C GLU A 119 -7.40 -7.46 18.44
N ILE A 120 -6.22 -8.12 18.40
CA ILE A 120 -5.88 -9.03 17.31
C ILE A 120 -5.66 -10.45 17.85
N GLU A 121 -6.29 -11.45 17.18
CA GLU A 121 -5.92 -12.85 17.36
C GLU A 121 -5.21 -13.37 16.11
N LEU A 122 -4.02 -13.92 16.28
CA LEU A 122 -3.31 -14.52 15.16
C LEU A 122 -3.73 -15.97 15.03
N LEU A 123 -4.43 -16.27 13.94
CA LEU A 123 -5.00 -17.60 13.76
C LEU A 123 -3.94 -18.53 13.15
N ASP A 124 -3.25 -18.03 12.11
CA ASP A 124 -2.28 -18.84 11.40
C ASP A 124 -1.48 -17.95 10.46
N PHE A 125 -0.30 -18.45 10.04
CA PHE A 125 0.46 -17.86 8.94
C PHE A 125 1.21 -18.95 8.16
N LYS A 126 1.21 -18.84 6.83
CA LYS A 126 1.74 -19.83 5.89
C LYS A 126 2.70 -19.08 4.94
N GLY A 127 3.70 -19.81 4.43
CA GLY A 127 4.70 -19.25 3.55
C GLY A 127 4.13 -18.88 2.18
N GLU A 128 4.63 -17.78 1.61
CA GLU A 128 4.36 -17.40 0.22
C GLU A 128 4.49 -18.67 -0.66
N GLY B 1 -4.77 20.86 -15.95
CA GLY B 1 -3.51 20.43 -16.56
C GLY B 1 -3.56 18.96 -16.92
N ALA B 2 -2.39 18.32 -16.82
CA ALA B 2 -2.21 17.00 -17.36
C ALA B 2 -3.15 15.97 -16.72
N PRO B 3 -3.33 15.90 -15.38
CA PRO B 3 -4.28 14.97 -14.77
C PRO B 3 -5.74 15.08 -15.26
N ALA B 4 -6.26 16.30 -15.29
CA ALA B 4 -7.62 16.54 -15.78
C ALA B 4 -7.74 16.12 -17.25
N THR B 5 -6.74 16.42 -18.08
CA THR B 5 -6.80 16.01 -19.48
C THR B 5 -6.94 14.48 -19.59
N VAL B 6 -6.25 13.75 -18.70
CA VAL B 6 -6.27 12.30 -18.75
C VAL B 6 -7.64 11.78 -18.31
N THR B 7 -8.19 12.33 -17.22
CA THR B 7 -9.58 12.10 -16.82
C THR B 7 -10.52 12.22 -18.01
N GLU B 8 -10.42 13.34 -18.73
CA GLU B 8 -11.30 13.67 -19.84
C GLU B 8 -11.13 12.79 -21.06
N GLN B 9 -9.88 12.49 -21.45
CA GLN B 9 -9.59 11.97 -22.77
C GLN B 9 -8.83 10.66 -22.78
N GLY B 10 -8.45 10.15 -21.59
CA GLY B 10 -7.58 8.98 -21.56
C GLY B 10 -8.34 7.71 -21.91
N GLU B 11 -7.61 6.72 -22.42
CA GLU B 11 -8.14 5.38 -22.66
C GLU B 11 -8.10 4.56 -21.37
N ASP B 12 -9.14 3.78 -21.12
CA ASP B 12 -9.17 2.90 -19.98
C ASP B 12 -8.49 1.59 -20.36
N ILE B 13 -7.28 1.35 -19.85
CA ILE B 13 -6.54 0.14 -20.21
C ILE B 13 -6.68 -0.97 -19.17
N THR B 14 -7.69 -0.92 -18.28
CA THR B 14 -7.95 -1.99 -17.31
C THR B 14 -8.74 -3.12 -18.00
N SER B 15 -8.52 -4.35 -17.53
CA SER B 15 -9.26 -5.51 -18.00
C SER B 15 -10.71 -5.41 -17.59
N LYS B 16 -10.92 -4.95 -16.36
CA LYS B 16 -12.26 -4.79 -15.82
C LYS B 16 -12.99 -3.57 -16.38
N LYS B 17 -12.29 -2.62 -17.01
CA LYS B 17 -12.93 -1.41 -17.52
C LYS B 17 -13.57 -0.62 -16.37
N ASP B 18 -12.80 -0.42 -15.29
CA ASP B 18 -13.26 0.37 -14.16
C ASP B 18 -12.60 1.74 -14.14
N ARG B 19 -11.92 2.14 -15.21
CA ARG B 19 -11.22 3.42 -15.29
C ARG B 19 -10.14 3.57 -14.21
N GLY B 20 -9.60 2.46 -13.75
CA GLY B 20 -8.61 2.45 -12.68
C GLY B 20 -7.25 2.95 -13.17
N VAL B 21 -6.97 2.77 -14.48
CA VAL B 21 -5.74 3.16 -15.12
C VAL B 21 -6.17 3.80 -16.47
N LEU B 22 -5.99 5.13 -16.57
CA LEU B 22 -6.28 5.88 -17.79
C LEU B 22 -4.97 6.34 -18.41
N LYS B 23 -4.87 6.22 -19.73
CA LYS B 23 -3.64 6.50 -20.45
C LYS B 23 -3.85 7.45 -21.62
N ILE B 24 -2.90 8.36 -21.83
CA ILE B 24 -2.76 9.06 -23.13
C ILE B 24 -1.32 8.90 -23.61
N VAL B 25 -1.15 8.59 -24.90
CA VAL B 25 0.15 8.59 -25.53
C VAL B 25 0.50 10.03 -25.85
N LYS B 26 1.68 10.49 -25.42
CA LYS B 26 2.06 11.87 -25.67
C LYS B 26 3.18 11.95 -26.68
N ARG B 27 4.04 10.93 -26.77
CA ARG B 27 4.94 10.80 -27.91
C ARG B 27 4.93 9.32 -28.33
N VAL B 28 4.77 9.07 -29.64
CA VAL B 28 4.73 7.74 -30.19
C VAL B 28 6.14 7.15 -30.16
N GLY B 29 6.24 5.84 -29.83
CA GLY B 29 7.48 5.10 -29.81
C GLY B 29 7.71 4.34 -31.13
N ASN B 30 8.68 3.40 -31.17
CA ASN B 30 9.01 2.71 -32.41
C ASN B 30 9.00 1.21 -32.15
N GLY B 31 8.98 0.43 -33.23
CA GLY B 31 8.87 -1.01 -33.13
C GLY B 31 7.44 -1.38 -32.76
N GLU B 32 7.13 -2.68 -32.75
CA GLU B 32 5.80 -3.11 -32.32
C GLU B 32 5.89 -4.14 -31.20
N GLU B 33 7.11 -4.53 -30.79
CA GLU B 33 7.31 -5.13 -29.48
C GLU B 33 6.84 -4.14 -28.41
N THR B 34 6.12 -4.67 -27.42
CA THR B 34 5.91 -4.07 -26.11
C THR B 34 6.42 -5.07 -25.07
N PRO B 35 6.74 -4.63 -23.84
CA PRO B 35 7.33 -5.55 -22.89
C PRO B 35 6.34 -6.64 -22.49
N MET B 36 6.85 -7.88 -22.44
CA MET B 36 6.15 -9.07 -21.96
C MET B 36 6.44 -9.20 -20.48
N ILE B 37 5.55 -9.83 -19.73
CA ILE B 37 5.80 -10.00 -18.31
C ILE B 37 7.11 -10.77 -18.14
N GLY B 38 7.92 -10.39 -17.16
CA GLY B 38 9.25 -10.94 -16.99
C GLY B 38 10.37 -10.01 -17.45
N ASP B 39 10.10 -9.13 -18.41
CA ASP B 39 11.12 -8.30 -19.02
C ASP B 39 11.78 -7.39 -17.99
N LYS B 40 13.09 -7.12 -18.16
CA LYS B 40 13.74 -6.04 -17.44
C LYS B 40 13.46 -4.76 -18.21
N VAL B 41 12.97 -3.73 -17.51
CA VAL B 41 12.41 -2.52 -18.10
C VAL B 41 13.13 -1.28 -17.59
N TYR B 42 13.43 -0.36 -18.51
CA TYR B 42 14.18 0.85 -18.21
C TYR B 42 13.32 2.06 -18.56
N VAL B 43 13.07 2.95 -17.58
CA VAL B 43 12.26 4.12 -17.84
C VAL B 43 12.85 5.36 -17.18
N HIS B 44 12.41 6.53 -17.66
CA HIS B 44 12.39 7.74 -16.85
C HIS B 44 10.94 8.10 -16.58
N TYR B 45 10.69 8.75 -15.42
CA TYR B 45 9.34 9.14 -15.03
C TYR B 45 9.33 10.38 -14.14
N LYS B 46 8.20 11.11 -14.19
CA LYS B 46 7.86 12.18 -13.27
C LYS B 46 6.52 11.80 -12.70
N GLY B 47 6.43 11.68 -11.38
CA GLY B 47 5.16 11.31 -10.75
C GLY B 47 4.73 12.37 -9.76
N LYS B 48 3.48 12.28 -9.33
CA LYS B 48 2.93 13.09 -8.26
C LYS B 48 1.58 12.54 -7.85
N LEU B 49 1.14 12.94 -6.68
CA LEU B 49 -0.23 12.86 -6.22
C LEU B 49 -1.04 13.76 -7.14
N SER B 50 -2.17 13.26 -7.59
CA SER B 50 -3.14 13.97 -8.38
C SER B 50 -3.39 15.37 -7.82
N ASN B 51 -3.55 15.44 -6.50
CA ASN B 51 -3.65 16.64 -5.68
C ASN B 51 -2.42 17.55 -5.76
N GLY B 52 -1.53 17.39 -6.77
CA GLY B 52 -0.35 18.23 -6.96
C GLY B 52 0.62 18.29 -5.78
N LYS B 53 0.44 17.49 -4.71
CA LYS B 53 0.97 17.83 -3.39
C LYS B 53 2.41 17.37 -3.16
N LYS B 54 2.76 16.14 -3.57
CA LYS B 54 4.13 15.63 -3.58
C LYS B 54 4.44 15.16 -5.00
N PHE B 55 5.69 15.37 -5.42
CA PHE B 55 6.23 15.09 -6.74
C PHE B 55 7.42 14.15 -6.56
N ASP B 56 7.89 13.54 -7.65
CA ASP B 56 9.00 12.61 -7.59
C ASP B 56 9.42 12.23 -9.01
N SER B 57 10.72 12.31 -9.25
CA SER B 57 11.26 12.06 -10.58
C SER B 57 12.47 11.14 -10.48
N SER B 58 12.54 10.17 -11.40
CA SER B 58 13.76 9.42 -11.68
C SER B 58 14.98 10.35 -11.82
N HIS B 59 14.82 11.50 -12.48
CA HIS B 59 15.90 12.46 -12.66
C HIS B 59 16.50 12.96 -11.34
N ASP B 60 15.73 12.91 -10.25
CA ASP B 60 16.21 13.25 -8.92
C ASP B 60 17.32 12.29 -8.47
N ARG B 61 17.43 11.08 -9.05
CA ARG B 61 18.52 10.18 -8.70
C ARG B 61 19.65 10.24 -9.74
N ASN B 62 19.46 11.00 -10.83
CA ASN B 62 20.41 11.15 -11.93
C ASN B 62 20.60 9.81 -12.68
N GLU B 63 19.54 8.98 -12.80
CA GLU B 63 19.65 7.64 -13.40
C GLU B 63 18.29 7.04 -13.75
N PRO B 64 18.18 6.17 -14.78
CA PRO B 64 16.90 5.56 -15.13
C PRO B 64 16.36 4.63 -14.05
N PHE B 65 15.03 4.48 -13.99
CA PHE B 65 14.37 3.57 -13.06
C PHE B 65 14.15 2.22 -13.72
N VAL B 66 14.60 1.16 -13.02
CA VAL B 66 14.68 -0.16 -13.59
C VAL B 66 13.87 -1.11 -12.73
N PHE B 67 13.07 -1.97 -13.39
CA PHE B 67 12.27 -2.97 -12.68
C PHE B 67 11.94 -4.13 -13.63
N SER B 68 11.57 -5.27 -13.05
CA SER B 68 11.09 -6.40 -13.82
C SER B 68 9.58 -6.36 -13.89
N LEU B 69 9.06 -6.46 -15.11
CA LEU B 69 7.65 -6.22 -15.34
C LEU B 69 6.83 -7.42 -14.86
N GLY B 70 5.77 -7.11 -14.11
CA GLY B 70 4.87 -8.10 -13.58
C GLY B 70 5.50 -8.96 -12.46
N LYS B 71 6.58 -8.49 -11.81
CA LYS B 71 7.19 -9.25 -10.73
C LYS B 71 6.85 -8.60 -9.39
N GLY B 72 5.77 -7.82 -9.35
CA GLY B 72 5.34 -7.05 -8.17
C GLY B 72 6.47 -6.22 -7.51
N GLN B 73 7.34 -5.58 -8.31
CA GLN B 73 8.25 -4.57 -7.76
C GLN B 73 7.61 -3.17 -7.79
N VAL B 74 6.60 -2.99 -8.62
CA VAL B 74 5.95 -1.71 -8.76
C VAL B 74 4.45 -1.93 -8.57
N ILE B 75 3.72 -0.82 -8.44
CA ILE B 75 2.28 -0.86 -8.32
C ILE B 75 1.69 -1.50 -9.59
N LYS B 76 0.47 -2.07 -9.42
CA LYS B 76 -0.23 -2.82 -10.44
C LYS B 76 -0.39 -1.95 -11.69
N ALA B 77 -0.66 -0.65 -11.53
CA ALA B 77 -0.89 0.23 -12.68
C ALA B 77 0.33 0.35 -13.59
N TRP B 78 1.53 0.16 -13.02
CA TRP B 78 2.75 0.21 -13.82
C TRP B 78 2.90 -1.08 -14.61
N ASP B 79 2.59 -2.22 -13.99
CA ASP B 79 2.62 -3.51 -14.66
C ASP B 79 1.64 -3.49 -15.85
N ILE B 80 0.46 -2.93 -15.64
CA ILE B 80 -0.55 -2.77 -16.68
C ILE B 80 -0.10 -1.77 -17.75
N GLY B 81 0.24 -0.54 -17.32
CA GLY B 81 0.48 0.55 -18.25
C GLY B 81 1.75 0.38 -19.08
N VAL B 82 2.85 0.06 -18.40
CA VAL B 82 4.13 -0.07 -19.09
C VAL B 82 4.04 -1.19 -20.13
N ALA B 83 3.27 -2.26 -19.86
CA ALA B 83 3.11 -3.33 -20.84
C ALA B 83 2.47 -2.85 -22.15
N THR B 84 1.73 -1.74 -22.15
CA THR B 84 1.09 -1.25 -23.38
C THR B 84 2.05 -0.36 -24.17
N MET B 85 3.24 -0.02 -23.64
CA MET B 85 4.08 0.99 -24.27
C MET B 85 5.12 0.41 -25.25
N LYS B 86 5.53 1.22 -26.24
CA LYS B 86 6.62 0.88 -27.14
C LYS B 86 7.87 1.66 -26.75
N LYS B 87 9.00 1.12 -27.17
CA LYS B 87 10.29 1.71 -26.91
C LYS B 87 10.28 3.10 -27.51
N GLY B 88 10.57 4.09 -26.65
CA GLY B 88 10.67 5.48 -27.04
C GLY B 88 9.37 6.25 -26.76
N GLU B 89 8.29 5.54 -26.40
CA GLU B 89 7.04 6.22 -26.09
C GLU B 89 7.15 7.01 -24.78
N ILE B 90 6.46 8.17 -24.79
CA ILE B 90 6.07 8.88 -23.57
C ILE B 90 4.57 8.80 -23.41
N ALA B 91 4.16 8.35 -22.23
CA ALA B 91 2.74 8.28 -21.91
C ALA B 91 2.41 8.97 -20.60
N HIS B 92 1.13 9.37 -20.47
CA HIS B 92 0.61 9.84 -19.21
C HIS B 92 -0.34 8.79 -18.65
N LEU B 93 -0.22 8.49 -17.37
CA LEU B 93 -1.16 7.61 -16.68
C LEU B 93 -1.81 8.35 -15.52
N LEU B 94 -3.11 8.12 -15.34
CA LEU B 94 -3.82 8.51 -14.15
C LEU B 94 -4.39 7.26 -13.50
N ILE B 95 -4.16 7.10 -12.18
CA ILE B 95 -4.28 5.80 -11.51
C ILE B 95 -5.14 5.92 -10.26
N LYS B 96 -6.23 5.17 -10.18
CA LYS B 96 -7.03 5.15 -8.96
C LYS B 96 -6.36 4.32 -7.87
N PRO B 97 -6.71 4.49 -6.57
CA PRO B 97 -5.98 3.84 -5.49
C PRO B 97 -5.97 2.31 -5.56
N GLU B 98 -7.00 1.72 -6.15
CA GLU B 98 -7.03 0.26 -6.23
C GLU B 98 -5.89 -0.27 -7.12
N TYR B 99 -5.31 0.54 -8.02
CA TYR B 99 -4.19 0.07 -8.84
C TYR B 99 -2.86 0.65 -8.34
N ALA B 100 -2.89 1.28 -7.16
CA ALA B 100 -1.72 1.92 -6.57
C ALA B 100 -1.55 1.43 -5.11
N TYR B 101 -1.79 2.28 -4.09
CA TYR B 101 -1.47 1.89 -2.71
C TYR B 101 -2.69 1.64 -1.85
N GLY B 102 -3.89 1.82 -2.45
CA GLY B 102 -5.16 1.40 -1.88
C GLY B 102 -5.55 2.17 -0.62
N SER B 103 -6.37 1.50 0.18
CA SER B 103 -6.84 2.08 1.42
C SER B 103 -5.70 2.30 2.37
N ALA B 104 -4.69 1.41 2.34
CA ALA B 104 -3.63 1.47 3.34
C ALA B 104 -2.73 2.68 3.14
N GLY B 105 -2.59 3.10 1.88
CA GLY B 105 -1.55 4.01 1.48
C GLY B 105 -0.17 3.44 1.76
N SER B 106 0.81 4.35 1.86
CA SER B 106 2.20 4.01 2.10
C SER B 106 2.86 5.22 2.76
N LEU B 107 2.50 5.49 4.00
CA LEU B 107 3.01 6.66 4.69
C LEU B 107 4.51 6.56 4.94
N PRO B 108 5.23 7.69 5.12
CA PRO B 108 4.65 9.01 4.94
C PRO B 108 4.45 9.45 3.48
N LYS B 109 4.95 8.69 2.52
CA LYS B 109 4.99 9.17 1.14
C LYS B 109 3.58 9.19 0.55
N ILE B 110 2.77 8.14 0.71
CA ILE B 110 1.49 8.08 0.05
C ILE B 110 0.33 7.96 1.06
N PRO B 111 -0.67 8.88 1.03
CA PRO B 111 -1.84 8.73 1.89
C PRO B 111 -2.86 7.67 1.45
N SER B 112 -3.84 7.44 2.35
CA SER B 112 -4.88 6.48 2.09
C SER B 112 -5.66 6.94 0.83
N ASN B 113 -6.11 5.99 0.01
CA ASN B 113 -7.00 6.32 -1.10
C ASN B 113 -6.47 7.44 -2.03
N ALA B 114 -5.18 7.39 -2.41
CA ALA B 114 -4.54 8.40 -3.24
C ALA B 114 -4.65 8.03 -4.72
N THR B 115 -5.05 9.01 -5.52
CA THR B 115 -4.94 8.99 -6.97
C THR B 115 -3.56 9.54 -7.38
N LEU B 116 -2.89 8.86 -8.30
CA LEU B 116 -1.53 9.17 -8.78
C LEU B 116 -1.53 9.52 -10.26
N PHE B 117 -0.61 10.42 -10.63
CA PHE B 117 -0.35 10.82 -12.01
C PHE B 117 1.12 10.54 -12.32
N PHE B 118 1.39 9.90 -13.46
CA PHE B 118 2.76 9.77 -13.92
C PHE B 118 2.90 10.19 -15.39
N GLU B 119 4.08 10.73 -15.69
CA GLU B 119 4.59 10.76 -17.06
C GLU B 119 5.74 9.75 -17.11
N ILE B 120 5.63 8.81 -18.04
CA ILE B 120 6.61 7.75 -18.21
C ILE B 120 7.20 7.79 -19.63
N GLU B 121 8.55 7.76 -19.71
CA GLU B 121 9.24 7.44 -20.96
C GLU B 121 9.86 6.04 -20.92
N LEU B 122 9.49 5.20 -21.88
CA LEU B 122 10.05 3.84 -21.95
C LEU B 122 11.38 3.91 -22.69
N LEU B 123 12.49 3.63 -21.98
CA LEU B 123 13.80 3.76 -22.58
C LEU B 123 14.15 2.48 -23.33
N ASP B 124 13.94 1.33 -22.68
CA ASP B 124 14.32 0.05 -23.25
C ASP B 124 13.70 -1.08 -22.45
N PHE B 125 13.64 -2.28 -23.06
CA PHE B 125 13.29 -3.50 -22.34
C PHE B 125 14.01 -4.73 -22.92
N LYS B 126 14.45 -5.63 -22.02
CA LYS B 126 15.25 -6.81 -22.36
C LYS B 126 14.56 -8.01 -21.74
N GLY B 127 14.50 -9.15 -22.45
CA GLY B 127 13.94 -10.40 -21.93
C GLY B 127 14.80 -10.98 -20.81
N GLU B 128 14.19 -11.53 -19.75
CA GLU B 128 14.92 -12.32 -18.76
C GLU B 128 15.84 -13.29 -19.52
C4 A1I55 C . -10.77 -0.58 8.43
C14 A1I55 C . -6.16 -1.70 7.77
C5 A1I55 C . -11.56 -1.60 7.89
C6 A1I55 C . -12.02 -1.51 6.58
C11 A1I55 C . -8.62 -1.64 5.27
C7 A1I55 C . -13.21 -3.57 6.70
C8 A1I55 C . -11.62 -0.46 5.76
C9 A1I55 C . -11.41 -1.31 3.54
C10 A1I55 C . -9.99 -0.92 3.36
C12 A1I55 C . -7.12 -1.80 5.46
C13 A1I55 C . -6.26 -0.66 4.97
N1 A1I55 C . -8.07 -1.87 9.44
C3 A1I55 C . -10.35 0.47 7.60
C1 A1I55 C . -9.65 2.60 5.83
O1 A1I55 C . -10.47 1.54 5.43
C2 A1I55 C . -10.81 0.56 6.29
O2 A1I55 C . -12.87 -2.39 5.98
O3 A1I55 C . -12.06 -0.40 4.44
O4 A1I55 C . -9.13 -1.84 4.01
O5 A1I55 C . -7.18 -1.78 6.94
O6 A1I55 C . -5.04 -1.59 7.40
C15 A1I55 C . -6.60 -1.87 9.22
C16 A1I55 C . -5.96 -3.15 9.74
C17 A1I55 C . -6.60 -4.37 9.17
C18 A1I55 C . -8.02 -4.39 9.63
C19 A1I55 C . -8.78 -3.15 9.13
C20 A1I55 C . -8.72 -0.70 9.75
O7 A1I55 C . -8.08 0.34 9.87
C21 A1I55 C . -10.26 -0.64 9.86
C22 A1I55 C . -10.69 0.54 10.77
C23 A1I55 C . -10.26 0.32 12.23
C24 A1I55 C . -10.79 1.37 13.18
C25 A1I55 C . -12.31 1.42 13.17
C26 A1I55 C . -12.70 1.79 11.73
C27 A1I55 C . -12.20 0.77 10.69
H5 A1I55 C . -11.86 -2.29 8.45
H14 A1I55 C . -8.87 -0.74 5.57
H13 A1I55 C . -9.09 -2.24 5.89
H7 A1I55 C . -13.78 -4.14 6.13
H8 A1I55 C . -13.70 -3.33 7.50
H6 A1I55 C . -12.40 -4.05 6.93
H10 A1I55 C . -11.47 -2.22 3.89
H9 A1I55 C . -11.87 -1.29 2.67
H12 A1I55 C . -9.77 -0.88 2.41
H11 A1I55 C . -9.84 -0.01 3.73
H15 A1I55 C . -6.81 -2.68 5.13
H17 A1I55 C . -6.37 0.12 5.55
H18 A1I55 C . -6.52 -0.42 4.06
H16 A1I55 C . -5.33 -0.93 4.98
H4 A1I55 C . -9.79 1.14 7.95
H2 A1I55 C . -9.57 3.24 5.10
H3 A1I55 C . -8.78 2.26 6.06
H1 A1I55 C . -10.05 3.05 6.59
H19 A1I55 C . -6.23 -1.11 9.73
H21 A1I55 C . -5.00 -3.16 9.52
H20 A1I55 C . -6.03 -3.18 10.72
H22 A1I55 C . -6.13 -5.18 9.48
H23 A1I55 C . -6.56 -4.35 8.19
H24 A1I55 C . -8.05 -4.43 10.60
H25 A1I55 C . -8.46 -5.20 9.27
H26 A1I55 C . -9.67 -3.14 9.55
H27 A1I55 C . -8.92 -3.22 8.16
H28 A1I55 C . -10.58 -1.49 10.26
H29 A1I55 C . -10.25 1.37 10.44
H31 A1I55 C . -10.58 -0.56 12.52
H30 A1I55 C . -9.29 0.31 12.27
H32 A1I55 C . -10.44 2.25 12.92
H33 A1I55 C . -10.47 1.17 14.09
H34 A1I55 C . -12.63 2.11 13.80
H35 A1I55 C . -12.69 0.55 13.42
H36 A1I55 C . -12.34 2.67 11.52
H37 A1I55 C . -13.69 1.85 11.68
H39 A1I55 C . -12.66 -0.09 10.84
H38 A1I55 C . -12.43 1.08 9.79
C4 A1I55 D . 7.51 6.35 -5.14
C14 A1I55 D . 6.16 2.34 -7.42
C5 A1I55 D . 8.90 6.51 -5.20
C6 A1I55 D . 9.72 5.95 -4.22
C11 A1I55 D . 8.65 2.49 -5.12
C7 A1I55 D . 11.77 6.45 -5.33
C8 A1I55 D . 9.16 5.31 -3.12
C9 A1I55 D . 10.64 3.53 -2.53
C10 A1I55 D . 9.70 2.43 -2.90
C12 A1I55 D . 7.68 1.48 -5.68
C13 A1I55 D . 6.69 0.81 -4.73
N1 A1I55 D . 6.43 4.89 -7.68
C3 A1I55 D . 6.97 5.70 -4.04
C1 A1I55 D . 5.99 4.10 -1.84
O1 A1I55 D . 7.34 4.55 -1.90
C2 A1I55 D . 7.77 5.23 -3.02
O2 A1I55 D . 11.09 5.99 -4.17
O3 A1I55 D . 9.92 4.72 -2.13
O4 A1I55 D . 9.71 2.07 -4.29
O5 A1I55 D . 7.05 2.54 -6.46
O6 A1I55 D . 5.72 1.27 -7.66
C15 A1I55 D . 5.77 3.63 -8.12
C16 A1I55 D . 6.00 3.37 -9.62
C17 A1I55 D . 7.51 3.27 -9.90
C18 A1I55 D . 8.12 4.62 -9.59
C19 A1I55 D . 7.88 5.02 -8.11
C20 A1I55 D . 5.81 5.77 -6.84
O7 A1I55 D . 4.64 5.55 -6.45
C21 A1I55 D . 6.59 6.93 -6.22
C22 A1I55 D . 5.61 8.04 -5.74
C23 A1I55 D . 4.86 8.72 -6.89
C24 A1I55 D . 3.86 9.77 -6.41
C25 A1I55 D . 4.54 10.92 -5.69
C26 A1I55 D . 5.30 10.29 -4.50
C27 A1I55 D . 6.30 9.16 -4.94
H5 A1I55 D . 9.29 6.92 -5.96
H14 A1I55 D . 8.15 3.18 -4.64
H13 A1I55 D . 9.06 2.98 -5.87
H7 A1I55 D . 12.74 6.37 -5.19
H8 A1I55 D . 11.57 7.39 -5.48
H6 A1I55 D . 11.51 5.93 -6.09
H10 A1I55 D . 11.22 3.73 -3.28
H9 A1I55 D . 11.21 3.23 -1.79
H12 A1I55 D . 9.93 1.63 -2.38
H11 A1I55 D . 8.79 2.68 -2.64
H15 A1I55 D . 8.14 0.83 -6.26
H17 A1I55 D . 6.17 1.50 -4.28
H18 A1I55 D . 7.18 0.29 -4.08
H16 A1I55 D . 6.10 0.24 -5.24
H4 A1I55 D . 6.02 5.64 -3.96
H2 A1I55 D . 5.86 3.57 -1.04
H3 A1I55 D . 5.79 3.57 -2.62
H1 A1I55 D . 5.40 4.88 -1.81
H19 A1I55 D . 4.79 3.76 -7.99
H21 A1I55 D . 5.55 2.53 -9.88
H20 A1I55 D . 5.61 4.12 -10.13
H22 A1I55 D . 7.66 3.05 -10.85
H23 A1I55 D . 7.93 2.58 -9.34
H24 A1I55 D . 7.72 5.31 -10.18
H25 A1I55 D . 9.09 4.60 -9.76
H26 A1I55 D . 8.16 5.96 -7.99
H27 A1I55 D . 8.43 4.47 -7.52
H28 A1I55 D . 7.17 7.31 -6.93
H29 A1I55 D . 4.94 7.62 -5.15
H31 A1I55 D . 5.51 9.15 -7.49
H30 A1I55 D . 4.38 8.04 -7.41
H32 A1I55 D . 3.22 9.34 -5.78
H33 A1I55 D . 3.36 10.12 -7.17
H34 A1I55 D . 3.88 11.56 -5.37
H35 A1I55 D . 5.17 11.37 -6.30
H36 A1I55 D . 4.64 9.90 -3.87
H37 A1I55 D . 5.79 10.99 -4.02
H39 A1I55 D . 7.00 9.56 -5.48
H38 A1I55 D . 6.71 8.78 -4.14
#